data_3ZW1
#
_entry.id   3ZW1
#
_cell.length_a   81.440
_cell.length_b   81.440
_cell.length_c   81.440
_cell.angle_alpha   90.00
_cell.angle_beta   90.00
_cell.angle_gamma   90.00
#
_symmetry.space_group_name_H-M   'P 21 3'
#
loop_
_entity.id
_entity.type
_entity.pdbx_description
1 polymer 'BAMBL LECTIN'
2 polymer 'BAMBL LECTIN'
3 branched alpha-L-fucopyranose-(1-3)-2-acetamido-2-deoxy-beta-D-glucopyranose
4 branched alpha-L-fucopyranose-(1-3)-[beta-D-galactopyranose-(1-4)]2-acetamido-2-deoxy-beta-D-glucopyranose-(1-3)-beta-D-galactopyranose
5 non-polymer alpha-D-galactopyranose
6 water water
#
loop_
_entity_poly.entity_id
_entity_poly.type
_entity_poly.pdbx_seq_one_letter_code
_entity_poly.pdbx_strand_id
1 'polypeptide(L)'
;(MHO)QTAAISWGTTPSIRVYTANGNKITERCYDGSNWYTGAFNQAGDNVSATCWLSGSAVHIRVYATSGGSTTEWCWDG
DGWTRGAYTGL
;
A
2 'polypeptide(L)'
;MQTAAISWGTTPSIRVYTANGNKITERCYDGSNWYTGAFNQAGDNVSATCWLSGSAVHIRVYATSGGSTTEWCWDGDGWT
RGAYTGL
;
B
#
loop_
_chem_comp.id
_chem_comp.type
_chem_comp.name
_chem_comp.formula
FUC L-saccharide, alpha linking alpha-L-fucopyranose 'C6 H12 O5'
GAL D-saccharide, beta linking beta-D-galactopyranose 'C6 H12 O6'
GLA D-saccharide, alpha linking alpha-D-galactopyranose 'C6 H12 O6'
NAG D-saccharide, beta linking 2-acetamido-2-deoxy-beta-D-glucopyranose 'C8 H15 N O6'
#
# COMPACT_ATOMS: atom_id res chain seq x y z
N MHO A 1 -6.60 16.41 2.38
CA MHO A 1 -6.94 15.01 2.69
CB MHO A 1 -6.03 14.56 3.81
CG MHO A 1 -6.21 13.14 4.23
SD MHO A 1 -4.82 12.78 5.23
CE MHO A 1 -3.64 12.14 4.28
C MHO A 1 -8.35 14.97 3.18
O MHO A 1 -8.83 15.93 3.85
OD1 MHO A 1 -5.23 11.95 6.31
N GLN A 2 -9.22 14.01 2.75
CA GLN A 2 -10.67 14.03 3.00
C GLN A 2 -11.09 12.62 3.30
N THR A 3 -11.96 12.45 4.30
CA THR A 3 -12.41 11.10 4.67
C THR A 3 -13.92 10.91 4.62
N ALA A 4 -14.30 9.63 4.56
CA ALA A 4 -15.65 9.14 4.72
C ALA A 4 -15.62 7.99 5.73
N ALA A 5 -16.65 7.86 6.53
CA ALA A 5 -16.71 6.85 7.58
C ALA A 5 -18.05 6.15 7.56
N ILE A 6 -17.99 4.82 7.69
CA ILE A 6 -19.19 3.98 7.84
C ILE A 6 -18.97 2.98 8.98
N SER A 7 -20.07 2.44 9.48
CA SER A 7 -19.97 1.45 10.54
C SER A 7 -21.21 0.55 10.50
N TRP A 8 -21.05 -0.65 11.03
CA TRP A 8 -22.20 -1.58 11.06
C TRP A 8 -22.01 -2.62 12.14
N GLY A 9 -23.14 -3.21 12.50
CA GLY A 9 -23.19 -4.30 13.46
C GLY A 9 -23.00 -3.80 14.87
N THR A 10 -22.85 -4.76 15.77
CA THR A 10 -22.74 -4.45 17.19
C THR A 10 -21.32 -4.37 17.74
N THR A 11 -20.30 -4.82 17.00
CA THR A 11 -18.94 -4.74 17.51
C THR A 11 -18.54 -3.30 17.88
N PRO A 12 -18.66 -2.34 16.94
CA PRO A 12 -19.03 -2.44 15.56
C PRO A 12 -17.82 -2.63 14.65
N SER A 13 -18.08 -2.92 13.38
CA SER A 13 -17.05 -2.75 12.34
C SER A 13 -17.12 -1.31 11.85
N ILE A 14 -15.96 -0.74 11.59
CA ILE A 14 -15.84 0.64 11.04
C ILE A 14 -14.94 0.58 9.82
N ARG A 15 -15.27 1.37 8.82
CA ARG A 15 -14.37 1.59 7.67
C ARG A 15 -14.23 3.08 7.47
N VAL A 16 -13.00 3.55 7.37
CA VAL A 16 -12.69 4.92 7.06
C VAL A 16 -11.96 4.99 5.73
N TYR A 17 -12.54 5.68 4.76
CA TYR A 17 -11.94 5.90 3.43
C TYR A 17 -11.25 7.26 3.45
N THR A 18 -10.00 7.31 2.97
CA THR A 18 -9.25 8.58 2.89
C THR A 18 -8.81 8.84 1.47
N ALA A 19 -9.20 10.01 0.94
CA ALA A 19 -8.66 10.53 -0.31
C ALA A 19 -7.48 11.41 0.00
N ASN A 20 -6.34 11.10 -0.60
CA ASN A 20 -5.13 11.90 -0.45
C ASN A 20 -4.31 11.78 -1.72
N GLY A 21 -3.89 12.89 -2.30
CA GLY A 21 -2.96 12.72 -3.46
C GLY A 21 -3.50 11.91 -4.65
N ASN A 22 -4.81 12.04 -4.85
N ASN A 22 -4.80 12.10 -4.92
CA ASN A 22 -5.53 11.37 -5.94
CA ASN A 22 -5.64 11.35 -5.93
C ASN A 22 -5.71 9.85 -5.71
C ASN A 22 -5.75 9.84 -5.71
N LYS A 23 -5.42 9.38 -4.51
CA LYS A 23 -5.61 7.98 -4.14
C LYS A 23 -6.57 7.86 -2.95
N ILE A 24 -7.54 6.96 -3.08
CA ILE A 24 -8.41 6.63 -1.99
C ILE A 24 -7.98 5.27 -1.42
N THR A 25 -7.79 5.25 -0.12
CA THR A 25 -7.42 4.03 0.61
C THR A 25 -8.39 3.82 1.76
N GLU A 26 -8.26 2.68 2.43
CA GLU A 26 -9.23 2.23 3.39
C GLU A 26 -8.57 1.68 4.64
N ARG A 27 -9.03 2.12 5.79
CA ARG A 27 -8.58 1.56 7.10
C ARG A 27 -9.79 0.96 7.79
N CYS A 28 -9.56 -0.14 8.49
CA CYS A 28 -10.62 -1.03 8.92
C CYS A 28 -10.48 -1.34 10.40
N TYR A 29 -11.61 -1.41 11.08
CA TYR A 29 -11.70 -1.84 12.47
C TYR A 29 -12.80 -2.89 12.57
N ASP A 30 -12.45 -4.07 13.12
CA ASP A 30 -13.41 -5.16 13.37
C ASP A 30 -13.39 -5.62 14.82
N GLY A 31 -12.92 -4.78 15.73
CA GLY A 31 -13.00 -5.06 17.14
C GLY A 31 -11.70 -5.11 17.90
N SER A 32 -10.58 -5.10 17.18
CA SER A 32 -9.28 -5.07 17.84
C SER A 32 -8.34 -4.00 17.30
N ASN A 33 -7.46 -4.33 16.36
CA ASN A 33 -6.58 -3.33 15.78
C ASN A 33 -7.16 -2.74 14.51
N TRP A 34 -6.69 -1.55 14.16
CA TRP A 34 -6.97 -1.00 12.83
C TRP A 34 -6.01 -1.65 11.84
N TYR A 35 -6.49 -1.87 10.62
CA TYR A 35 -5.62 -2.45 9.57
C TYR A 35 -5.97 -1.85 8.24
N THR A 36 -5.09 -2.03 7.27
CA THR A 36 -5.34 -1.50 5.94
C THR A 36 -6.18 -2.48 5.16
N GLY A 37 -7.27 -1.95 4.60
CA GLY A 37 -8.21 -2.72 3.80
C GLY A 37 -7.81 -2.89 2.34
N ALA A 38 -8.53 -3.76 1.64
CA ALA A 38 -8.27 -4.05 0.25
C ALA A 38 -8.58 -2.90 -0.71
N PHE A 39 -9.42 -1.95 -0.31
CA PHE A 39 -9.88 -0.94 -1.28
C PHE A 39 -8.77 0.00 -1.70
N ASN A 40 -8.57 0.16 -3.01
CA ASN A 40 -7.67 1.16 -3.54
C ASN A 40 -8.23 1.60 -4.86
N GLN A 41 -8.64 2.86 -4.99
CA GLN A 41 -9.13 3.40 -6.25
C GLN A 41 -8.76 4.87 -6.34
N ALA A 42 -8.78 5.39 -7.56
CA ALA A 42 -8.42 6.79 -7.76
C ALA A 42 -9.51 7.72 -7.27
N GLY A 43 -9.08 8.85 -6.74
CA GLY A 43 -9.98 9.93 -6.46
C GLY A 43 -9.45 10.94 -5.51
N ASP A 44 -10.03 12.14 -5.60
CA ASP A 44 -9.73 13.24 -4.65
C ASP A 44 -10.85 13.51 -3.66
N ASN A 45 -11.95 12.79 -3.78
CA ASN A 45 -13.08 12.95 -2.89
C ASN A 45 -13.79 11.60 -2.78
N VAL A 46 -14.28 11.30 -1.60
CA VAL A 46 -14.91 10.00 -1.33
C VAL A 46 -16.13 10.19 -0.42
N SER A 47 -17.20 9.44 -0.72
CA SER A 47 -18.27 9.19 0.21
C SER A 47 -18.59 7.69 0.19
N ALA A 48 -19.34 7.23 1.19
CA ALA A 48 -19.66 5.83 1.31
C ALA A 48 -20.95 5.62 2.13
N THR A 49 -21.58 4.47 1.84
CA THR A 49 -22.74 4.06 2.60
C THR A 49 -22.72 2.52 2.65
N CYS A 50 -23.43 1.94 3.60
CA CYS A 50 -23.45 0.46 3.69
C CYS A 50 -24.77 0.03 4.25
N TRP A 51 -25.06 -1.26 4.09
CA TRP A 51 -26.24 -1.88 4.68
C TRP A 51 -25.90 -3.35 4.96
N LEU A 52 -26.74 -3.97 5.81
CA LEU A 52 -26.59 -5.36 6.16
C LEU A 52 -27.74 -6.16 5.56
N SER A 53 -27.40 -7.33 5.03
CA SER A 53 -28.40 -8.36 4.76
C SER A 53 -28.01 -9.50 5.68
N GLY A 54 -28.71 -9.57 6.81
CA GLY A 54 -28.34 -10.48 7.88
C GLY A 54 -27.03 -10.06 8.52
N SER A 55 -26.04 -10.92 8.43
CA SER A 55 -24.73 -10.60 8.96
C SER A 55 -23.80 -10.03 7.88
N ALA A 56 -24.21 -10.12 6.60
CA ALA A 56 -23.36 -9.76 5.47
C ALA A 56 -23.45 -8.28 5.09
N VAL A 57 -22.30 -7.61 5.15
CA VAL A 57 -22.25 -6.18 4.79
C VAL A 57 -22.15 -5.98 3.26
N HIS A 58 -22.83 -4.91 2.82
CA HIS A 58 -22.71 -4.41 1.48
C HIS A 58 -22.31 -2.95 1.58
N ILE A 59 -21.27 -2.59 0.84
CA ILE A 59 -20.69 -1.27 0.90
C ILE A 59 -20.70 -0.67 -0.49
N ARG A 60 -21.04 0.62 -0.57
CA ARG A 60 -20.87 1.38 -1.78
C ARG A 60 -20.01 2.60 -1.50
N VAL A 61 -18.92 2.74 -2.24
CA VAL A 61 -18.02 3.85 -2.16
C VAL A 61 -18.10 4.66 -3.45
N TYR A 62 -18.25 5.96 -3.31
CA TYR A 62 -18.37 6.91 -4.46
C TYR A 62 -17.09 7.70 -4.53
N ALA A 63 -16.28 7.37 -5.53
CA ALA A 63 -14.91 7.92 -5.67
C ALA A 63 -14.94 8.96 -6.78
N THR A 64 -14.62 10.20 -6.46
CA THR A 64 -14.66 11.28 -7.45
C THR A 64 -13.25 11.69 -7.81
N SER A 65 -12.98 11.66 -9.11
CA SER A 65 -11.69 12.08 -9.67
C SER A 65 -11.99 13.10 -10.74
N GLY A 66 -11.54 14.33 -10.50
CA GLY A 66 -11.96 15.45 -11.30
C GLY A 66 -13.46 15.54 -11.34
N GLY A 67 -13.99 15.50 -12.55
CA GLY A 67 -15.40 15.75 -12.80
C GLY A 67 -16.19 14.47 -12.96
N SER A 68 -15.65 13.34 -12.53
N SER A 68 -15.65 13.34 -12.53
CA SER A 68 -16.34 12.06 -12.68
CA SER A 68 -16.32 12.05 -12.70
C SER A 68 -16.35 11.22 -11.40
C SER A 68 -16.36 11.26 -11.38
N THR A 69 -17.53 10.75 -11.05
CA THR A 69 -17.70 9.87 -9.89
C THR A 69 -17.93 8.44 -10.32
N THR A 70 -17.18 7.50 -9.74
CA THR A 70 -17.32 6.09 -9.99
C THR A 70 -17.76 5.39 -8.69
N GLU A 71 -18.74 4.51 -8.77
CA GLU A 71 -19.17 3.68 -7.66
C GLU A 71 -18.43 2.36 -7.64
N TRP A 72 -18.00 1.99 -6.44
CA TRP A 72 -17.35 0.73 -6.15
C TRP A 72 -18.13 -0.03 -5.10
N CYS A 73 -18.28 -1.34 -5.36
CA CYS A 73 -19.21 -2.19 -4.63
C CYS A 73 -18.47 -3.31 -3.92
N TRP A 74 -18.75 -3.49 -2.62
CA TRP A 74 -18.37 -4.67 -1.85
C TRP A 74 -19.60 -5.44 -1.52
N ASP A 75 -19.66 -6.70 -1.96
CA ASP A 75 -20.81 -7.56 -1.71
C ASP A 75 -20.34 -8.95 -1.23
N GLY A 76 -19.24 -8.98 -0.51
CA GLY A 76 -18.79 -10.23 0.12
C GLY A 76 -17.60 -10.87 -0.57
N ASP A 77 -17.32 -10.49 -1.82
CA ASP A 77 -16.26 -11.15 -2.62
C ASP A 77 -15.53 -10.17 -3.55
N GLY A 78 -14.87 -9.18 -2.97
CA GLY A 78 -14.03 -8.29 -3.73
C GLY A 78 -14.73 -6.99 -4.08
N TRP A 79 -13.94 -6.01 -4.51
CA TRP A 79 -14.51 -4.73 -4.97
C TRP A 79 -14.81 -4.75 -6.48
N THR A 80 -16.04 -4.42 -6.86
CA THR A 80 -16.49 -4.43 -8.25
C THR A 80 -17.07 -3.09 -8.65
N ARG A 81 -16.96 -2.74 -9.92
CA ARG A 81 -17.45 -1.47 -10.41
C ARG A 81 -18.98 -1.49 -10.50
N GLY A 82 -19.60 -0.47 -9.91
CA GLY A 82 -21.05 -0.32 -9.91
C GLY A 82 -21.59 0.48 -11.10
N ALA A 83 -22.90 0.45 -11.21
CA ALA A 83 -23.63 1.05 -12.34
C ALA A 83 -23.86 2.54 -12.25
N TYR A 84 -23.53 3.12 -11.09
CA TYR A 84 -23.78 4.55 -10.89
C TYR A 84 -23.20 5.37 -12.01
N THR A 85 -24.01 6.31 -12.50
CA THR A 85 -23.53 7.40 -13.34
C THR A 85 -23.98 8.72 -12.77
N GLY A 86 -23.14 9.72 -12.88
CA GLY A 86 -23.52 11.06 -12.48
C GLY A 86 -24.05 11.86 -13.65
N LEU A 87 -24.13 13.17 -13.48
CA LEU A 87 -24.73 14.02 -14.53
C LEU A 87 -23.98 13.95 -15.85
N MET B 1 29.92 -10.11 -0.86
CA MET B 1 28.85 -9.23 -1.37
C MET B 1 27.61 -10.10 -1.46
N GLN B 2 26.47 -9.52 -1.12
CA GLN B 2 25.24 -10.28 -0.94
C GLN B 2 24.07 -9.49 -1.51
N THR B 3 23.15 -10.16 -2.21
CA THR B 3 22.04 -9.41 -2.80
C THR B 3 20.66 -9.95 -2.38
N ALA B 4 19.70 -9.09 -2.56
CA ALA B 4 18.25 -9.44 -2.48
C ALA B 4 17.56 -8.83 -3.70
N ALA B 5 16.56 -9.53 -4.22
CA ALA B 5 15.86 -9.11 -5.43
C ALA B 5 14.35 -9.18 -5.23
N ILE B 6 13.68 -8.15 -5.73
CA ILE B 6 12.22 -8.11 -5.74
C ILE B 6 11.72 -7.60 -7.10
N SER B 7 10.45 -7.85 -7.39
CA SER B 7 9.88 -7.39 -8.65
C SER B 7 8.39 -7.23 -8.49
N TRP B 8 7.80 -6.37 -9.31
CA TRP B 8 6.37 -6.19 -9.28
C TRP B 8 5.87 -5.61 -10.58
N GLY B 9 4.57 -5.75 -10.80
CA GLY B 9 3.97 -5.14 -11.98
C GLY B 9 4.22 -5.95 -13.24
N THR B 10 3.71 -5.41 -14.33
CA THR B 10 3.78 -6.06 -15.64
C THR B 10 5.00 -5.64 -16.47
N THR B 11 5.61 -4.50 -16.15
CA THR B 11 6.77 -4.06 -16.90
C THR B 11 7.90 -5.10 -17.03
N PRO B 12 8.35 -5.72 -15.90
CA PRO B 12 8.10 -5.41 -14.50
C PRO B 12 9.07 -4.33 -14.02
N SER B 13 8.82 -3.86 -12.82
CA SER B 13 9.86 -3.17 -12.05
C SER B 13 10.66 -4.22 -11.28
N ILE B 14 11.97 -4.04 -11.21
CA ILE B 14 12.85 -4.91 -10.44
C ILE B 14 13.72 -3.98 -9.58
N ARG B 15 13.97 -4.42 -8.35
CA ARG B 15 14.94 -3.76 -7.50
C ARG B 15 15.88 -4.82 -6.94
N VAL B 16 17.18 -4.57 -7.06
CA VAL B 16 18.21 -5.46 -6.53
C VAL B 16 18.99 -4.68 -5.48
N TYR B 17 18.93 -5.14 -4.23
CA TYR B 17 19.68 -4.55 -3.09
C TYR B 17 20.99 -5.32 -2.95
N THR B 18 22.11 -4.58 -2.85
CA THR B 18 23.43 -5.18 -2.66
C THR B 18 24.07 -4.68 -1.37
N ALA B 19 24.45 -5.64 -0.51
CA ALA B 19 25.23 -5.33 0.68
C ALA B 19 26.68 -5.58 0.29
N ASN B 20 27.51 -4.55 0.45
CA ASN B 20 28.94 -4.66 0.21
C ASN B 20 29.67 -3.69 1.14
N GLY B 21 30.63 -4.17 1.91
CA GLY B 21 31.47 -3.22 2.68
C GLY B 21 30.71 -2.42 3.74
N ASN B 22 29.73 -3.09 4.35
N ASN B 22 29.70 -3.08 4.30
CA ASN B 22 28.77 -2.54 5.34
CA ASN B 22 28.84 -2.53 5.34
C ASN B 22 27.82 -1.48 4.80
C ASN B 22 27.84 -1.48 4.82
N LYS B 23 27.67 -1.41 3.49
CA LYS B 23 26.70 -0.49 2.88
C LYS B 23 25.75 -1.28 1.98
N ILE B 24 24.47 -0.95 2.06
CA ILE B 24 23.47 -1.52 1.12
C ILE B 24 23.01 -0.43 0.16
N THR B 25 23.10 -0.76 -1.13
CA THR B 25 22.68 0.16 -2.18
C THR B 25 21.64 -0.57 -3.02
N GLU B 26 21.07 0.13 -3.99
CA GLU B 26 19.92 -0.38 -4.77
C GLU B 26 20.08 -0.06 -6.22
N ARG B 27 19.81 -1.04 -7.07
CA ARG B 27 19.77 -0.83 -8.53
C ARG B 27 18.39 -1.17 -9.01
N CYS B 28 17.92 -0.43 -10.02
CA CYS B 28 16.51 -0.43 -10.35
C CYS B 28 16.29 -0.57 -11.85
N TYR B 29 15.26 -1.32 -12.20
CA TYR B 29 14.83 -1.51 -13.57
C TYR B 29 13.34 -1.21 -13.64
N ASP B 30 12.96 -0.39 -14.62
CA ASP B 30 11.55 -0.01 -14.84
C ASP B 30 11.24 -0.06 -16.37
N GLY B 31 11.84 -1.00 -17.09
CA GLY B 31 11.51 -1.26 -18.49
C GLY B 31 12.50 -0.78 -19.51
N SER B 32 13.55 -0.09 -19.07
N SER B 32 13.53 -0.04 -19.11
CA SER B 32 14.51 0.47 -20.01
CA SER B 32 14.57 0.36 -20.09
C SER B 32 15.93 0.11 -19.60
C SER B 32 15.97 0.06 -19.57
N ASN B 33 16.64 1.03 -18.96
CA ASN B 33 17.99 0.80 -18.45
C ASN B 33 17.98 0.66 -16.92
N TRP B 34 19.03 0.08 -16.36
CA TRP B 34 19.25 0.04 -14.92
C TRP B 34 19.78 1.39 -14.41
N TYR B 35 19.31 1.81 -13.26
CA TYR B 35 19.74 3.06 -12.64
C TYR B 35 19.89 2.85 -11.16
N THR B 36 20.60 3.75 -10.50
CA THR B 36 20.83 3.62 -9.07
C THR B 36 19.70 4.29 -8.30
N GLY B 37 19.12 3.53 -7.38
CA GLY B 37 18.02 3.91 -6.58
C GLY B 37 18.40 4.81 -5.39
N ALA B 38 17.37 5.35 -4.76
CA ALA B 38 17.54 6.22 -3.59
C ALA B 38 17.98 5.49 -2.32
N PHE B 39 17.79 4.16 -2.27
CA PHE B 39 18.05 3.40 -1.05
C PHE B 39 19.54 3.37 -0.75
N ASN B 40 19.91 3.79 0.47
CA ASN B 40 21.29 3.76 0.89
C ASN B 40 21.31 3.68 2.41
N GLN B 41 21.66 2.54 2.96
CA GLN B 41 21.67 2.36 4.42
C GLN B 41 22.79 1.44 4.82
N ALA B 42 23.17 1.45 6.09
CA ALA B 42 24.17 0.51 6.55
C ALA B 42 23.67 -0.90 6.65
N GLY B 43 24.56 -1.86 6.36
CA GLY B 43 24.31 -3.25 6.65
C GLY B 43 25.26 -4.16 5.87
N ASP B 44 25.43 -5.37 6.38
CA ASP B 44 26.23 -6.42 5.75
C ASP B 44 25.38 -7.55 5.17
N ASN B 45 24.06 -7.50 5.44
CA ASN B 45 23.15 -8.50 4.91
C ASN B 45 21.80 -7.83 4.62
N VAL B 46 21.11 -8.30 3.57
CA VAL B 46 19.88 -7.65 3.17
C VAL B 46 18.85 -8.68 2.70
N SER B 47 17.59 -8.46 3.06
CA SER B 47 16.46 -9.20 2.45
C SER B 47 15.41 -8.10 2.16
N ALA B 48 14.47 -8.45 1.29
CA ALA B 48 13.44 -7.50 0.89
C ALA B 48 12.18 -8.23 0.42
N THR B 49 11.07 -7.54 0.61
CA THR B 49 9.76 -8.01 0.12
C THR B 49 8.93 -6.80 -0.31
N CYS B 50 7.93 -7.01 -1.15
CA CYS B 50 7.12 -5.90 -1.62
C CYS B 50 5.71 -6.38 -1.94
N TRP B 51 4.80 -5.43 -2.00
CA TRP B 51 3.42 -5.69 -2.43
C TRP B 51 2.84 -4.43 -3.05
N LEU B 52 1.76 -4.59 -3.79
CA LEU B 52 1.05 -3.47 -4.40
C LEU B 52 -0.29 -3.27 -3.71
N SER B 53 -0.64 -1.99 -3.47
CA SER B 53 -1.97 -1.60 -3.05
C SER B 53 -2.48 -0.77 -4.21
N GLY B 54 -3.34 -1.35 -5.02
CA GLY B 54 -3.69 -0.69 -6.26
C GLY B 54 -2.45 -0.61 -7.15
N SER B 55 -2.05 0.58 -7.53
CA SER B 55 -0.84 0.79 -8.33
C SER B 55 0.35 1.34 -7.50
N ALA B 56 0.14 1.49 -6.20
CA ALA B 56 1.16 1.97 -5.29
C ALA B 56 1.99 0.80 -4.73
N VAL B 57 3.30 0.81 -4.97
CA VAL B 57 4.15 -0.25 -4.39
C VAL B 57 4.57 0.10 -2.98
N HIS B 58 4.73 -0.96 -2.19
CA HIS B 58 5.28 -0.85 -0.84
C HIS B 58 6.45 -1.81 -0.78
N ILE B 59 7.61 -1.33 -0.30
CA ILE B 59 8.80 -2.20 -0.21
C ILE B 59 9.23 -2.18 1.25
N ARG B 60 9.63 -3.35 1.73
CA ARG B 60 10.26 -3.46 3.04
C ARG B 60 11.61 -4.08 2.83
N VAL B 61 12.65 -3.38 3.30
CA VAL B 61 14.05 -3.87 3.20
C VAL B 61 14.55 -4.10 4.64
N TYR B 62 15.11 -5.28 4.91
CA TYR B 62 15.58 -5.68 6.25
C TYR B 62 17.12 -5.65 6.15
N ALA B 63 17.70 -4.61 6.77
CA ALA B 63 19.12 -4.33 6.74
C ALA B 63 19.76 -4.80 8.03
N THR B 64 20.68 -5.74 7.96
CA THR B 64 21.28 -6.27 9.18
C THR B 64 22.73 -5.82 9.29
N SER B 65 23.10 -5.28 10.44
N SER B 65 23.08 -5.20 10.42
CA SER B 65 24.46 -4.85 10.67
CA SER B 65 24.44 -4.74 10.72
C SER B 65 24.84 -5.38 12.02
C SER B 65 24.82 -5.40 12.04
N GLY B 66 25.89 -6.19 12.04
CA GLY B 66 26.22 -7.01 13.18
C GLY B 66 25.02 -7.82 13.62
N GLY B 67 24.65 -7.59 14.88
CA GLY B 67 23.59 -8.34 15.53
C GLY B 67 22.23 -7.67 15.52
N SER B 68 22.04 -6.66 14.68
CA SER B 68 20.75 -5.95 14.68
C SER B 68 20.21 -5.76 13.27
N THR B 69 18.90 -5.96 13.13
CA THR B 69 18.22 -5.77 11.87
C THR B 69 17.25 -4.58 11.94
N THR B 70 17.35 -3.67 10.97
CA THR B 70 16.50 -2.50 10.89
C THR B 70 15.67 -2.67 9.63
N GLU B 71 14.39 -2.39 9.77
CA GLU B 71 13.44 -2.34 8.61
C GLU B 71 13.33 -0.94 8.03
N TRP B 72 13.46 -0.84 6.71
CA TRP B 72 13.29 0.40 5.96
C TRP B 72 12.08 0.26 5.03
N CYS B 73 11.28 1.33 4.95
CA CYS B 73 9.98 1.27 4.32
C CYS B 73 9.91 2.29 3.20
N TRP B 74 9.47 1.80 2.02
CA TRP B 74 9.02 2.68 0.92
C TRP B 74 7.52 2.55 0.74
N ASP B 75 6.80 3.68 0.82
CA ASP B 75 5.37 3.69 0.69
C ASP B 75 4.96 4.85 -0.22
N GLY B 76 5.84 5.16 -1.17
CA GLY B 76 5.52 6.13 -2.23
C GLY B 76 6.34 7.40 -2.23
N ASP B 77 7.08 7.68 -1.17
CA ASP B 77 7.80 8.96 -1.04
C ASP B 77 8.90 8.92 0.01
N GLY B 78 9.95 8.19 -0.31
CA GLY B 78 11.11 8.18 0.51
C GLY B 78 11.12 6.99 1.44
N TRP B 79 12.32 6.72 1.90
CA TRP B 79 12.59 5.57 2.76
C TRP B 79 12.52 6.01 4.21
N THR B 80 11.74 5.31 5.03
CA THR B 80 11.60 5.64 6.44
C THR B 80 11.84 4.41 7.29
N ARG B 81 12.23 4.59 8.53
CA ARG B 81 12.48 3.48 9.42
C ARG B 81 11.18 2.88 9.90
N GLY B 82 11.07 1.55 9.75
CA GLY B 82 9.93 0.82 10.20
C GLY B 82 9.94 0.37 11.64
N ALA B 83 8.81 -0.17 12.07
CA ALA B 83 8.61 -0.62 13.45
C ALA B 83 9.23 -1.99 13.79
N TYR B 84 9.70 -2.76 12.79
CA TYR B 84 10.27 -4.05 13.06
C TYR B 84 11.32 -4.04 14.16
N THR B 85 11.23 -5.03 15.04
CA THR B 85 12.32 -5.39 15.93
C THR B 85 12.49 -6.91 15.88
N GLY B 86 13.70 -7.38 16.21
CA GLY B 86 13.98 -8.77 16.23
C GLY B 86 13.62 -9.43 17.54
N LEU B 87 14.23 -10.60 17.75
CA LEU B 87 13.84 -11.49 18.82
C LEU B 87 14.05 -10.79 20.14
C1 NAG C . -27.13 -6.89 -7.93
C2 NAG C . -26.98 -5.40 -7.52
C3 NAG C . -26.68 -4.64 -8.80
C4 NAG C . -25.57 -5.31 -9.63
C5 NAG C . -25.85 -6.77 -9.90
C6 NAG C . -24.65 -7.34 -10.65
C7 NAG C . -28.56 -4.88 -5.59
C8 NAG C . -27.70 -5.57 -4.57
N2 NAG C . -28.21 -4.91 -6.90
O1 NAG C . -27.22 -7.70 -6.78
O3 NAG C . -26.45 -3.23 -8.65
O4 NAG C . -25.36 -4.69 -10.86
O5 NAG C . -25.98 -7.34 -8.62
O6 NAG C . -24.84 -8.70 -10.99
O7 NAG C . -29.59 -4.30 -5.20
C1 FUC C . -25.36 -2.81 -7.83
C2 FUC C . -24.82 -1.53 -8.46
C3 FUC C . -25.86 -0.41 -8.35
C4 FUC C . -26.35 -0.27 -6.92
C5 FUC C . -26.80 -1.60 -6.36
C6 FUC C . -27.21 -1.53 -4.90
O2 FUC C . -24.48 -1.73 -9.83
O3 FUC C . -25.33 0.76 -8.93
O4 FUC C . -25.26 0.15 -6.11
O5 FUC C . -25.77 -2.59 -6.50
C1 GAL D . -5.34 -10.34 4.26
C2 GAL D . -6.52 -9.51 4.77
C3 GAL D . -7.82 -9.99 4.17
C4 GAL D . -7.74 -10.28 2.67
C5 GAL D . -6.48 -11.09 2.31
C6 GAL D . -6.25 -11.26 0.83
O1 GAL D . -4.14 -9.68 4.63
O2 GAL D . -6.58 -9.55 6.19
O3 GAL D . -8.84 -9.05 4.50
O4 GAL D . -7.76 -9.10 1.87
O5 GAL D . -5.38 -10.36 2.85
O6 GAL D . -5.29 -12.33 0.59
C1 NAG D . -10.00 -9.68 4.98
C2 NAG D . -10.69 -8.67 5.89
C3 NAG D . -12.08 -8.35 5.37
C4 NAG D . -12.88 -9.59 5.00
C5 NAG D . -11.97 -10.64 4.34
C6 NAG D . -12.55 -11.42 3.17
C7 NAG D . -9.61 -9.02 8.06
C8 NAG D . -9.82 -9.25 9.53
N2 NAG D . -10.69 -9.20 7.27
O3 NAG D . -12.01 -7.41 4.28
O4 NAG D . -13.32 -10.26 6.22
O5 NAG D . -10.79 -10.03 3.85
O6 NAG D . -12.92 -10.52 2.19
O7 NAG D . -8.52 -8.68 7.63
C1 FUC D . -12.13 -6.08 4.79
C2 FUC D . -11.50 -5.08 3.78
C3 FUC D . -12.42 -4.88 2.55
C4 FUC D . -13.87 -4.57 2.99
C5 FUC D . -14.35 -5.66 3.96
C6 FUC D . -15.81 -5.45 4.40
O2 FUC D . -10.21 -5.55 3.37
O3 FUC D . -11.87 -3.97 1.60
O4 FUC D . -13.87 -3.38 3.74
O5 FUC D . -13.48 -5.74 5.10
C1 GAL D . -14.73 -10.26 6.36
C2 GAL D . -15.03 -11.49 7.22
C3 GAL D . -16.48 -11.48 7.67
C4 GAL D . -16.79 -10.15 8.36
C5 GAL D . -16.42 -8.98 7.44
C6 GAL D . -16.64 -7.64 8.16
O2 GAL D . -14.74 -12.64 6.47
O3 GAL D . -16.75 -12.63 8.47
O4 GAL D . -16.12 -10.06 9.60
O5 GAL D . -15.08 -9.03 6.95
O6 GAL D . -18.04 -7.58 8.42
C1 GAL E . 2.94 8.51 10.08
C2 GAL E . 3.58 7.13 10.23
C3 GAL E . 2.52 6.04 10.09
C4 GAL E . 1.22 6.32 10.88
C5 GAL E . 0.81 7.78 10.76
C6 GAL E . -0.42 8.08 11.63
O1 GAL E . 3.97 9.48 10.23
O2 GAL E . 4.55 6.96 9.19
O3 GAL E . 3.10 4.80 10.51
O4 GAL E . 1.22 5.93 12.28
O5 GAL E . 1.93 8.65 11.08
O6 GAL E . -0.88 9.39 11.26
C1 NAG E . 2.57 3.75 9.72
C2 NAG E . 3.60 2.64 9.71
C3 NAG E . 3.01 1.40 9.03
C4 NAG E . 1.56 1.16 9.47
C5 NAG E . 0.72 2.43 9.41
C6 NAG E . -0.70 2.17 9.81
C7 NAG E . 5.93 3.43 9.85
C8 NAG E . 7.17 3.79 9.04
N2 NAG E . 4.87 3.06 9.13
O3 NAG E . 3.80 0.25 9.41
O4 NAG E . 0.92 0.10 8.74
O5 NAG E . 1.35 3.34 10.32
O6 NAG E . -0.78 1.38 10.97
O7 NAG E . 5.94 3.45 11.09
C1 FUC E . 4.90 -0.03 8.55
C2 FUC E . 6.03 -0.61 9.42
C3 FUC E . 5.73 -2.00 9.90
C4 FUC E . 5.27 -2.88 8.74
C5 FUC E . 4.13 -2.22 8.01
C6 FUC E . 3.69 -3.06 6.79
O2 FUC E . 6.31 0.23 10.52
O3 FUC E . 6.83 -2.56 10.61
O4 FUC E . 6.36 -3.05 7.81
O5 FUC E . 4.53 -0.95 7.52
C1 GAL E . 1.14 0.04 7.33
C2 GAL E . 0.20 -1.01 6.75
C3 GAL E . 0.39 -1.12 5.24
C4 GAL E . 0.35 0.27 4.58
C5 GAL E . 1.28 1.20 5.32
C6 GAL E . 1.14 2.60 4.73
O2 GAL E . 0.41 -2.32 7.33
O3 GAL E . -0.62 -1.95 4.69
O4 GAL E . -0.99 0.76 4.60
O5 GAL E . 0.92 1.25 6.67
O6 GAL E . 2.07 3.50 5.36
C1 NAG F . 10.46 6.55 -10.30
C2 NAG F . 10.79 5.68 -9.07
C3 NAG F . 11.83 6.41 -8.19
C4 NAG F . 13.01 6.89 -9.05
C5 NAG F . 12.48 7.72 -10.22
C6 NAG F . 13.65 8.28 -11.04
C7 NAG F . 8.87 4.19 -8.72
C8 NAG F . 7.57 3.85 -8.08
N2 NAG F . 9.54 5.33 -8.36
O1 NAG F . 9.67 5.80 -11.18
O3 NAG F . 12.29 5.66 -7.05
O4 NAG F . 13.98 7.60 -8.31
O5 NAG F . 11.66 6.88 -10.99
O6 NAG F . 14.10 7.28 -11.91
O7 NAG F . 9.30 3.37 -9.53
C1 FUC F . 12.84 4.35 -7.28
C2 FUC F . 14.01 4.13 -6.32
C3 FUC F . 13.44 4.03 -4.92
C4 FUC F . 12.37 2.93 -4.81
C5 FUC F . 11.28 3.28 -5.81
C6 FUC F . 10.20 2.22 -5.82
O2 FUC F . 14.93 5.23 -6.39
O3 FUC F . 14.49 3.82 -3.98
O4 FUC F . 12.98 1.72 -5.19
O5 FUC F . 11.88 3.33 -7.10
C1 GLA G . 3.00 8.53 10.13
C2 GLA G . 3.58 7.13 10.24
C3 GLA G . 2.52 6.04 10.09
C4 GLA G . 1.22 6.32 10.88
C5 GLA G . 0.81 7.78 10.76
C6 GLA G . -0.42 8.08 11.63
O1 GLA G . 2.53 8.73 8.78
O2 GLA G . 4.55 6.96 9.19
O3 GLA G . 3.10 4.80 10.51
O4 GLA G . 1.22 5.93 12.28
O5 GLA G . 1.93 8.65 11.08
O6 GLA G . -0.88 9.39 11.26
#